data_6NZE
#
_entry.id   6NZE
#
_cell.length_a   69.590
_cell.length_b   65.360
_cell.length_c   74.540
_cell.angle_alpha   90.000
_cell.angle_beta   112.170
_cell.angle_gamma   90.000
#
_symmetry.space_group_name_H-M   'P 1 21 1'
#
loop_
_entity.id
_entity.type
_entity.pdbx_description
1 polymer 'Non-receptor tyrosine-protein kinase TYK2'
2 non-polymer 4-[(2-carbamoylphenyl)amino]-6-[(5-fluoropyridin-2-yl)amino]-N-methylpyridine-3-carboxamide
3 non-polymer 'SULFATE ION'
4 water water
#
_entity_poly.entity_id   1
_entity_poly.type   'polypeptide(L)'
_entity_poly.pdbx_seq_one_letter_code
;MGSSHHHHHHSSGETVRFQGHMNLSQLSFHRVDQKEITQLSHLGQGTRTNVYEGRLRVEGSGDPEEGKMDDEDPLVPGRD
RGQELRVVLKVLDPSHHDIALAFYETASLMSQVSHTHLAFVHGVCVRGPENIMVTEYVEHGPLDVWLRRERGHVPMAWKM
VVAQQLASALSYLENKNLVHGNVCGRNILLARLGLAEGTSPFIKLSDPGVGLGALSREERVERIPWLAPECLPGGANSLS
TAMDKWGFGATLLEICFDGEAPLQSRSPSEKEHFYQRQHRLPEPSCPQLATLTSQCLTYEPTQRPSFRTILRDLTRL
;
_entity_poly.pdbx_strand_id   A,B
#
loop_
_chem_comp.id
_chem_comp.type
_chem_comp.name
_chem_comp.formula
L8Y non-polymer 4-[(2-carbamoylphenyl)amino]-6-[(5-fluoropyridin-2-yl)amino]-N-methylpyridine-3-carboxamide 'C19 H17 F N6 O2'
SO4 non-polymer 'SULFATE ION' 'O4 S -2'
#
# COMPACT_ATOMS: atom_id res chain seq x y z
N PHE A 29 16.46 -20.23 -14.98
CA PHE A 29 16.18 -18.83 -14.72
C PHE A 29 16.80 -17.96 -15.78
N HIS A 30 16.33 -16.71 -15.85
CA HIS A 30 16.84 -15.72 -16.77
C HIS A 30 18.14 -15.15 -16.20
N ARG A 31 19.10 -14.83 -17.08
CA ARG A 31 20.38 -14.25 -16.69
C ARG A 31 20.18 -12.77 -16.83
N VAL A 32 20.52 -12.01 -15.80
CA VAL A 32 20.40 -10.57 -15.82
C VAL A 32 21.80 -10.03 -15.86
N ASP A 33 22.09 -9.14 -16.81
CA ASP A 33 23.39 -8.49 -16.90
C ASP A 33 23.45 -7.41 -15.83
N GLN A 34 24.63 -7.17 -15.24
CA GLN A 34 24.74 -6.11 -14.24
C GLN A 34 24.43 -4.72 -14.77
N LYS A 35 24.55 -4.50 -16.11
CA LYS A 35 24.19 -3.21 -16.70
C LYS A 35 22.68 -2.91 -16.57
N GLU A 36 21.85 -3.94 -16.40
CA GLU A 36 20.39 -3.79 -16.31
C GLU A 36 19.91 -3.47 -14.90
N ILE A 37 20.76 -3.60 -13.88
CA ILE A 37 20.32 -3.35 -12.50
C ILE A 37 21.01 -2.17 -11.85
N THR A 38 20.27 -1.52 -10.91
CA THR A 38 20.78 -0.44 -10.09
C THR A 38 20.51 -0.84 -8.66
N GLN A 39 21.53 -0.80 -7.79
CA GLN A 39 21.40 -1.17 -6.38
C GLN A 39 21.18 0.10 -5.56
N LEU A 40 20.18 0.10 -4.65
CA LEU A 40 19.81 1.27 -3.85
C LEU A 40 19.83 0.94 -2.36
N SER A 41 18.83 1.38 -1.58
CA SER A 41 18.87 1.22 -0.13
C SER A 41 18.85 -0.21 0.39
N HIS A 42 19.61 -0.43 1.48
CA HIS A 42 19.67 -1.71 2.20
C HIS A 42 18.35 -1.89 2.95
N LEU A 43 17.70 -3.05 2.75
CA LEU A 43 16.41 -3.34 3.40
C LEU A 43 16.58 -4.30 4.55
N GLY A 44 17.52 -5.20 4.44
CA GLY A 44 17.72 -6.14 5.53
C GLY A 44 18.72 -7.21 5.17
N GLN A 45 18.80 -8.19 6.00
CA GLN A 45 19.74 -9.29 5.77
C GLN A 45 19.06 -10.62 5.92
N GLY A 46 19.40 -11.54 5.02
CA GLY A 46 18.92 -12.91 5.06
C GLY A 46 20.09 -13.83 5.34
N THR A 47 19.84 -15.13 5.25
CA THR A 47 20.91 -16.12 5.48
C THR A 47 21.97 -15.99 4.37
N ARG A 48 23.17 -15.47 4.74
CA ARG A 48 24.30 -15.23 3.85
C ARG A 48 24.00 -14.20 2.76
N THR A 49 22.98 -13.34 2.96
CA THR A 49 22.61 -12.34 1.98
C THR A 49 22.32 -10.99 2.60
N ASN A 50 22.39 -9.97 1.75
CA ASN A 50 21.97 -8.62 2.05
C ASN A 50 20.88 -8.30 1.03
N VAL A 51 19.81 -7.69 1.48
CA VAL A 51 18.62 -7.41 0.66
C VAL A 51 18.55 -5.92 0.43
N TYR A 52 18.47 -5.51 -0.84
CA TYR A 52 18.40 -4.11 -1.21
C TYR A 52 17.22 -3.84 -2.09
N GLU A 53 16.72 -2.58 -2.04
CA GLU A 53 15.78 -2.07 -3.04
C GLU A 53 16.68 -1.80 -4.24
N GLY A 54 16.15 -2.00 -5.43
CA GLY A 54 16.87 -1.73 -6.68
C GLY A 54 15.95 -1.38 -7.82
N ARG A 55 16.51 -1.21 -9.02
CA ARG A 55 15.75 -0.96 -10.26
C ARG A 55 16.24 -1.91 -11.34
N LEU A 56 15.32 -2.42 -12.18
CA LEU A 56 15.64 -3.32 -13.27
C LEU A 56 15.20 -2.64 -14.55
N ARG A 57 16.12 -2.48 -15.52
CA ARG A 57 15.78 -1.83 -16.79
C ARG A 57 14.96 -2.79 -17.65
N LEU A 85 11.70 -1.05 -13.62
CA LEU A 85 10.87 -1.65 -12.60
C LEU A 85 11.57 -1.59 -11.27
N ARG A 86 10.81 -1.32 -10.22
CA ARG A 86 11.33 -1.37 -8.85
C ARG A 86 11.44 -2.89 -8.52
N VAL A 87 12.58 -3.31 -7.99
CA VAL A 87 12.83 -4.72 -7.64
C VAL A 87 13.51 -4.79 -6.29
N VAL A 88 13.75 -6.01 -5.83
CA VAL A 88 14.54 -6.29 -4.65
C VAL A 88 15.67 -7.22 -5.09
N LEU A 89 16.88 -6.85 -4.71
CA LEU A 89 18.09 -7.58 -5.04
C LEU A 89 18.51 -8.33 -3.82
N LYS A 90 18.69 -9.66 -3.92
CA LYS A 90 19.16 -10.47 -2.82
C LYS A 90 20.59 -10.83 -3.16
N VAL A 91 21.53 -10.15 -2.50
CA VAL A 91 22.94 -10.26 -2.80
C VAL A 91 23.60 -11.26 -1.88
N LEU A 92 24.01 -12.35 -2.46
CA LEU A 92 24.67 -13.40 -1.71
C LEU A 92 26.10 -12.94 -1.37
N ASP A 93 26.54 -13.17 -0.15
CA ASP A 93 27.94 -12.92 0.24
C ASP A 93 28.91 -13.70 -0.67
N PRO A 94 30.20 -13.30 -0.81
CA PRO A 94 31.15 -14.22 -1.48
C PRO A 94 31.04 -15.58 -0.77
N SER A 95 30.66 -16.61 -1.48
CA SER A 95 30.41 -17.91 -0.86
C SER A 95 31.05 -19.08 -1.60
N HIS A 96 31.12 -20.22 -0.91
CA HIS A 96 31.54 -21.55 -1.40
C HIS A 96 30.58 -21.92 -2.55
N HIS A 97 31.05 -22.74 -3.50
CA HIS A 97 30.23 -23.12 -4.63
C HIS A 97 28.96 -23.90 -4.21
N ASP A 98 29.00 -24.68 -3.10
CA ASP A 98 27.79 -25.37 -2.63
C ASP A 98 26.67 -24.35 -2.26
N ILE A 99 27.03 -23.21 -1.67
CA ILE A 99 26.08 -22.16 -1.29
C ILE A 99 25.54 -21.51 -2.56
N ALA A 100 26.43 -21.13 -3.49
CA ALA A 100 26.00 -20.53 -4.74
C ALA A 100 25.04 -21.47 -5.46
N LEU A 101 25.34 -22.79 -5.54
CA LEU A 101 24.47 -23.78 -6.18
C LEU A 101 23.09 -23.85 -5.51
N ALA A 102 23.05 -23.79 -4.18
CA ALA A 102 21.80 -23.83 -3.42
C ALA A 102 20.98 -22.57 -3.67
N PHE A 103 21.66 -21.43 -3.91
CA PHE A 103 21.06 -20.17 -4.25
C PHE A 103 20.47 -20.23 -5.68
N TYR A 104 21.23 -20.82 -6.64
CA TYR A 104 20.75 -20.98 -8.04
C TYR A 104 19.56 -21.93 -8.08
N GLU A 105 19.57 -22.99 -7.27
CA GLU A 105 18.45 -23.94 -7.20
C GLU A 105 17.15 -23.22 -6.78
N THR A 106 17.25 -22.30 -5.80
CA THR A 106 16.12 -21.48 -5.37
C THR A 106 15.66 -20.58 -6.51
N ALA A 107 16.59 -19.92 -7.19
CA ALA A 107 16.20 -19.08 -8.33
C ALA A 107 15.49 -19.90 -9.41
N SER A 108 15.96 -21.14 -9.66
CA SER A 108 15.39 -22.06 -10.66
C SER A 108 13.98 -22.47 -10.28
N LEU A 109 13.81 -22.86 -9.02
CA LEU A 109 12.53 -23.25 -8.43
C LEU A 109 11.49 -22.14 -8.58
N MET A 110 11.83 -20.96 -8.11
CA MET A 110 10.93 -19.81 -8.13
C MET A 110 10.62 -19.30 -9.53
N SER A 111 11.53 -19.48 -10.47
CA SER A 111 11.33 -19.08 -11.86
C SER A 111 10.40 -20.07 -12.62
N GLN A 112 10.27 -21.32 -12.15
CA GLN A 112 9.45 -22.34 -12.83
C GLN A 112 8.05 -22.52 -12.22
N VAL A 113 7.72 -21.70 -11.23
CA VAL A 113 6.42 -21.77 -10.57
C VAL A 113 5.73 -20.45 -10.80
N SER A 114 4.41 -20.46 -10.73
CA SER A 114 3.60 -19.26 -10.89
C SER A 114 2.36 -19.40 -10.03
N HIS A 115 2.16 -18.48 -9.09
CA HIS A 115 1.02 -18.51 -8.16
C HIS A 115 0.80 -17.10 -7.63
N THR A 116 -0.51 -16.74 -7.50
CA THR A 116 -0.99 -15.45 -6.99
C THR A 116 -0.23 -15.01 -5.71
N HIS A 117 0.10 -16.01 -4.83
CA HIS A 117 0.72 -15.77 -3.50
C HIS A 117 2.20 -16.21 -3.37
N LEU A 118 2.91 -16.28 -4.48
CA LEU A 118 4.34 -16.59 -4.48
C LEU A 118 4.99 -15.41 -5.13
N ALA A 119 6.04 -14.83 -4.53
CA ALA A 119 6.76 -13.70 -5.14
C ALA A 119 7.45 -14.11 -6.46
N PHE A 120 7.53 -13.17 -7.39
CA PHE A 120 8.17 -13.37 -8.70
C PHE A 120 9.69 -13.20 -8.65
N VAL A 121 10.44 -14.06 -9.42
CA VAL A 121 11.90 -13.93 -9.57
C VAL A 121 12.16 -13.48 -11.04
N HIS A 122 12.85 -12.37 -11.22
CA HIS A 122 13.21 -11.85 -12.55
C HIS A 122 14.40 -12.56 -13.15
N GLY A 123 15.28 -13.05 -12.30
CA GLY A 123 16.47 -13.74 -12.77
C GLY A 123 17.63 -13.61 -11.80
N VAL A 124 18.82 -13.97 -12.29
CA VAL A 124 20.05 -13.98 -11.49
C VAL A 124 21.12 -13.17 -12.21
N CYS A 125 21.84 -12.36 -11.47
CA CYS A 125 22.95 -11.61 -11.99
C CYS A 125 24.21 -12.03 -11.23
N VAL A 126 25.31 -12.26 -11.94
CA VAL A 126 26.58 -12.57 -11.28
C VAL A 126 27.42 -11.30 -11.42
N ARG A 127 27.82 -10.72 -10.29
CA ARG A 127 28.59 -9.47 -10.26
C ARG A 127 29.84 -9.75 -9.45
N GLY A 128 30.93 -10.08 -10.17
CA GLY A 128 32.19 -10.47 -9.54
C GLY A 128 31.96 -11.69 -8.67
N PRO A 129 32.35 -11.66 -7.38
CA PRO A 129 32.05 -12.80 -6.51
C PRO A 129 30.64 -12.83 -5.94
N GLU A 130 29.76 -11.86 -6.29
CA GLU A 130 28.40 -11.78 -5.76
C GLU A 130 27.37 -12.36 -6.72
N ASN A 131 26.52 -13.24 -6.21
CA ASN A 131 25.40 -13.80 -6.93
C ASN A 131 24.21 -13.02 -6.44
N ILE A 132 23.44 -12.43 -7.38
CA ILE A 132 22.29 -11.60 -7.05
C ILE A 132 20.99 -12.17 -7.63
N MET A 133 20.00 -12.43 -6.79
CA MET A 133 18.69 -12.83 -7.27
C MET A 133 17.89 -11.52 -7.39
N VAL A 134 17.31 -11.25 -8.56
CA VAL A 134 16.53 -10.05 -8.86
C VAL A 134 15.09 -10.51 -8.69
N THR A 135 14.40 -9.97 -7.68
CA THR A 135 13.08 -10.43 -7.30
C THR A 135 12.09 -9.29 -7.23
N GLU A 136 10.82 -9.66 -7.10
CA GLU A 136 9.72 -8.72 -6.99
C GLU A 136 9.84 -7.84 -5.76
N TYR A 137 9.54 -6.54 -5.91
CA TYR A 137 9.45 -5.62 -4.77
C TYR A 137 7.98 -5.68 -4.36
N VAL A 138 7.69 -5.98 -3.08
CA VAL A 138 6.34 -6.12 -2.56
C VAL A 138 6.17 -4.90 -1.63
N GLU A 139 5.13 -4.12 -1.91
CA GLU A 139 4.85 -2.78 -1.38
C GLU A 139 5.18 -2.54 0.09
N HIS A 140 4.65 -3.36 1.00
CA HIS A 140 4.75 -3.12 2.44
C HIS A 140 5.76 -3.98 3.17
N GLY A 141 6.47 -4.82 2.45
CA GLY A 141 7.50 -5.67 3.03
C GLY A 141 7.07 -6.72 4.03
N PRO A 142 8.03 -7.20 4.84
CA PRO A 142 7.78 -8.38 5.70
C PRO A 142 6.64 -8.30 6.70
N LEU A 143 5.85 -9.40 6.79
CA LEU A 143 4.71 -9.53 7.70
C LEU A 143 5.08 -9.43 9.19
N ASP A 144 6.12 -10.12 9.64
CA ASP A 144 6.49 -10.11 11.08
C ASP A 144 6.77 -8.68 11.59
N VAL A 145 7.40 -7.84 10.75
CA VAL A 145 7.75 -6.46 11.09
C VAL A 145 6.48 -5.63 11.24
N TRP A 146 5.57 -5.77 10.29
CA TRP A 146 4.30 -5.07 10.30
C TRP A 146 3.46 -5.50 11.52
N LEU A 147 3.40 -6.80 11.78
CA LEU A 147 2.61 -7.28 12.94
C LEU A 147 3.11 -6.70 14.27
N ARG A 148 4.42 -6.58 14.45
CA ARG A 148 4.96 -6.02 15.71
C ARG A 148 4.59 -4.56 15.83
N ARG A 149 4.65 -3.80 14.72
CA ARG A 149 4.29 -2.38 14.73
C ARG A 149 2.79 -2.20 15.00
N GLU A 150 1.95 -3.11 14.51
CA GLU A 150 0.50 -3.04 14.73
C GLU A 150 0.02 -3.93 15.89
N ARG A 151 0.90 -4.35 16.76
CA ARG A 151 0.57 -5.26 17.87
C ARG A 151 -0.63 -4.82 18.68
N GLY A 152 -1.56 -5.74 18.91
CA GLY A 152 -2.78 -5.48 19.67
C GLY A 152 -3.95 -4.98 18.86
N HIS A 153 -3.70 -4.64 17.57
CA HIS A 153 -4.73 -4.06 16.68
C HIS A 153 -4.87 -4.76 15.35
N VAL A 154 -4.55 -6.07 15.29
CA VAL A 154 -4.69 -6.85 14.06
C VAL A 154 -5.78 -7.85 14.35
N PRO A 155 -6.97 -7.73 13.73
CA PRO A 155 -8.05 -8.68 14.06
C PRO A 155 -7.80 -10.11 13.60
N MET A 156 -8.54 -11.01 14.22
CA MET A 156 -8.46 -12.41 13.90
C MET A 156 -8.93 -12.72 12.49
N ALA A 157 -9.94 -12.01 11.97
CA ALA A 157 -10.42 -12.25 10.61
C ALA A 157 -9.32 -11.92 9.57
N TRP A 158 -8.51 -10.88 9.86
CA TRP A 158 -7.37 -10.48 8.99
C TRP A 158 -6.31 -11.60 8.96
N LYS A 159 -6.01 -12.17 10.13
CA LYS A 159 -5.01 -13.23 10.30
C LYS A 159 -5.43 -14.52 9.58
N MET A 160 -6.73 -14.77 9.53
CA MET A 160 -7.31 -15.95 8.87
C MET A 160 -7.23 -15.83 7.36
N VAL A 161 -7.32 -14.62 6.81
CA VAL A 161 -7.17 -14.42 5.36
C VAL A 161 -5.70 -14.73 4.99
N VAL A 162 -4.74 -14.23 5.79
CA VAL A 162 -3.32 -14.46 5.56
C VAL A 162 -3.03 -15.94 5.60
N ALA A 163 -3.55 -16.67 6.60
CA ALA A 163 -3.36 -18.10 6.75
C ALA A 163 -3.87 -18.88 5.54
N GLN A 164 -5.05 -18.52 4.99
CA GLN A 164 -5.59 -19.23 3.83
C GLN A 164 -4.76 -18.92 2.58
N GLN A 165 -4.30 -17.68 2.46
CA GLN A 165 -3.47 -17.29 1.34
C GLN A 165 -2.12 -18.06 1.39
N LEU A 166 -1.52 -18.18 2.56
CA LEU A 166 -0.27 -18.91 2.70
C LEU A 166 -0.48 -20.40 2.42
N ALA A 167 -1.54 -20.97 2.97
CA ALA A 167 -1.88 -22.38 2.74
C ALA A 167 -2.16 -22.66 1.25
N SER A 168 -2.71 -21.70 0.53
CA SER A 168 -2.97 -21.82 -0.92
C SER A 168 -1.64 -21.88 -1.68
N ALA A 169 -0.64 -21.00 -1.33
CA ALA A 169 0.67 -21.05 -1.97
C ALA A 169 1.34 -22.40 -1.68
N LEU A 170 1.23 -22.88 -0.44
CA LEU A 170 1.87 -24.11 -0.04
C LEU A 170 1.16 -25.37 -0.58
N SER A 171 -0.15 -25.33 -0.78
CA SER A 171 -0.88 -26.42 -1.43
C SER A 171 -0.41 -26.56 -2.89
N TYR A 172 -0.22 -25.44 -3.58
CA TYR A 172 0.28 -25.41 -4.94
C TYR A 172 1.68 -26.03 -4.99
N LEU A 173 2.57 -25.68 -4.04
CA LEU A 173 3.90 -26.27 -4.02
C LEU A 173 3.85 -27.77 -3.68
N GLU A 174 3.03 -28.16 -2.71
CA GLU A 174 2.87 -29.56 -2.31
C GLU A 174 2.39 -30.41 -3.49
N ASN A 175 1.43 -29.90 -4.27
CA ASN A 175 0.89 -30.60 -5.44
C ASN A 175 1.95 -30.86 -6.54
N LYS A 176 3.01 -30.03 -6.63
CA LYS A 176 4.12 -30.19 -7.58
C LYS A 176 5.31 -30.88 -6.90
N ASN A 177 5.18 -31.33 -5.64
CA ASN A 177 6.25 -31.96 -4.87
C ASN A 177 7.47 -31.04 -4.72
N LEU A 178 7.24 -29.74 -4.48
CA LEU A 178 8.29 -28.77 -4.32
C LEU A 178 8.35 -28.33 -2.89
N VAL A 179 9.56 -28.21 -2.35
CA VAL A 179 9.83 -27.85 -0.97
C VAL A 179 10.26 -26.39 -0.95
N HIS A 180 9.74 -25.63 0.00
CA HIS A 180 10.14 -24.22 0.20
C HIS A 180 11.28 -24.27 1.19
N GLY A 181 11.02 -24.77 2.39
CA GLY A 181 12.02 -24.90 3.43
C GLY A 181 12.36 -23.69 4.26
N ASN A 182 11.64 -22.57 4.07
CA ASN A 182 11.93 -21.37 4.85
C ASN A 182 10.65 -20.54 5.05
N VAL A 183 9.55 -21.23 5.43
CA VAL A 183 8.29 -20.57 5.68
C VAL A 183 8.40 -19.94 7.07
N CYS A 184 8.28 -18.60 7.15
CA CYS A 184 8.33 -17.83 8.39
C CYS A 184 7.74 -16.47 8.08
N GLY A 185 7.35 -15.73 9.10
CA GLY A 185 6.80 -14.41 8.98
C GLY A 185 7.67 -13.43 8.19
N ARG A 186 8.99 -13.51 8.36
CA ARG A 186 9.92 -12.62 7.64
C ARG A 186 9.81 -12.84 6.12
N ASN A 187 9.44 -14.04 5.68
CA ASN A 187 9.31 -14.39 4.27
C ASN A 187 7.91 -14.27 3.73
N ILE A 188 6.98 -13.69 4.49
CA ILE A 188 5.63 -13.42 4.01
C ILE A 188 5.62 -11.91 3.78
N LEU A 189 5.47 -11.46 2.53
CA LEU A 189 5.52 -10.05 2.17
C LEU A 189 4.10 -9.52 1.97
N LEU A 190 3.81 -8.32 2.46
CA LEU A 190 2.47 -7.74 2.30
C LEU A 190 2.38 -6.88 1.08
N ALA A 191 1.65 -7.36 0.05
CA ALA A 191 1.41 -6.57 -1.15
C ALA A 191 0.26 -5.55 -0.84
N ARG A 192 -0.72 -5.92 0.01
CA ARG A 192 -1.86 -5.07 0.38
C ARG A 192 -2.06 -5.31 1.86
N LEU A 193 -2.39 -4.25 2.61
CA LEU A 193 -2.60 -4.33 4.07
C LEU A 193 -4.00 -4.72 4.48
N GLY A 194 -5.01 -4.40 3.69
CA GLY A 194 -6.38 -4.73 4.08
C GLY A 194 -6.86 -4.00 5.32
N LEU A 195 -6.43 -2.73 5.54
CA LEU A 195 -6.84 -1.93 6.70
C LEU A 195 -8.14 -1.17 6.42
N ALA A 196 -8.34 -0.72 5.18
CA ALA A 196 -9.57 0.01 4.81
C ALA A 196 -10.80 -0.89 4.84
N GLU A 197 -11.98 -0.31 5.10
CA GLU A 197 -13.25 -1.06 5.09
C GLU A 197 -13.53 -1.64 3.67
N GLY A 198 -13.95 -2.89 3.62
CA GLY A 198 -14.23 -3.56 2.33
C GLY A 198 -12.99 -4.02 1.58
N THR A 199 -11.82 -4.09 2.25
CA THR A 199 -10.56 -4.56 1.64
C THR A 199 -10.02 -5.76 2.42
N SER A 200 -9.11 -6.49 1.81
CA SER A 200 -8.51 -7.67 2.40
C SER A 200 -6.99 -7.61 2.22
N PRO A 201 -6.20 -8.18 3.12
CA PRO A 201 -4.75 -8.20 2.91
C PRO A 201 -4.42 -9.10 1.74
N PHE A 202 -3.23 -8.95 1.24
CA PHE A 202 -2.73 -9.75 0.14
C PHE A 202 -1.26 -10.03 0.40
N ILE A 203 -0.89 -11.31 0.47
CA ILE A 203 0.51 -11.68 0.71
C ILE A 203 1.16 -12.34 -0.47
N LYS A 204 2.51 -12.32 -0.46
CA LYS A 204 3.32 -13.11 -1.38
C LYS A 204 4.39 -13.82 -0.52
N LEU A 205 4.56 -15.11 -0.68
CA LEU A 205 5.61 -15.86 -0.01
C LEU A 205 6.88 -15.61 -0.78
N SER A 206 7.89 -15.12 -0.09
CA SER A 206 9.18 -14.86 -0.70
C SER A 206 9.86 -16.16 -1.11
N ASP A 207 10.89 -16.01 -1.93
CA ASP A 207 11.74 -17.14 -2.25
C ASP A 207 12.40 -17.61 -0.93
N PRO A 208 12.81 -18.89 -0.82
CA PRO A 208 13.44 -19.35 0.42
C PRO A 208 14.91 -18.98 0.63
N GLY A 209 15.53 -18.27 -0.31
CA GLY A 209 16.94 -17.90 -0.23
C GLY A 209 17.85 -19.10 -0.38
N VAL A 210 19.02 -19.08 0.24
CA VAL A 210 19.93 -20.23 0.15
C VAL A 210 19.21 -21.47 0.67
N GLY A 211 19.20 -22.53 -0.13
CA GLY A 211 18.58 -23.78 0.23
C GLY A 211 19.00 -24.33 1.58
N LEU A 212 18.03 -24.87 2.31
CA LEU A 212 18.21 -25.41 3.66
C LEU A 212 19.29 -26.51 3.74
N GLY A 213 19.37 -27.35 2.71
CA GLY A 213 20.36 -28.42 2.67
C GLY A 213 21.80 -27.94 2.69
N ALA A 214 22.07 -26.66 2.27
CA ALA A 214 23.43 -26.11 2.24
C ALA A 214 23.85 -25.38 3.51
N LEU A 215 22.94 -25.21 4.47
CA LEU A 215 23.22 -24.47 5.68
C LEU A 215 23.90 -25.32 6.74
N SER A 216 24.61 -24.66 7.66
CA SER A 216 25.34 -25.32 8.75
C SER A 216 24.37 -25.61 9.88
N ARG A 217 24.78 -26.47 10.82
CA ARG A 217 23.95 -26.77 11.99
C ARG A 217 23.59 -25.54 12.78
N GLU A 218 24.54 -24.61 12.93
CA GLU A 218 24.33 -23.37 13.68
C GLU A 218 23.20 -22.52 13.05
N GLU A 219 23.18 -22.45 11.72
CA GLU A 219 22.17 -21.71 10.97
C GLU A 219 20.81 -22.42 11.08
N ARG A 220 20.80 -23.75 11.07
CA ARG A 220 19.55 -24.50 11.25
C ARG A 220 18.99 -24.29 12.66
N VAL A 221 19.86 -24.24 13.69
CA VAL A 221 19.41 -23.97 15.07
C VAL A 221 18.84 -22.55 15.14
N GLU A 222 19.42 -21.59 14.41
CA GLU A 222 18.92 -20.22 14.39
C GLU A 222 17.52 -20.13 13.80
N ARG A 223 17.13 -21.11 12.97
CA ARG A 223 15.84 -21.18 12.31
C ARG A 223 14.75 -21.84 13.17
N ILE A 224 15.10 -22.37 14.35
CA ILE A 224 14.11 -22.89 15.31
C ILE A 224 13.34 -21.66 15.82
N PRO A 225 12.00 -21.66 15.93
CA PRO A 225 11.03 -22.77 15.78
C PRO A 225 10.41 -23.01 14.42
N TRP A 226 10.85 -22.31 13.36
CA TRP A 226 10.29 -22.52 12.02
C TRP A 226 10.88 -23.78 11.40
N LEU A 227 12.11 -24.15 11.79
CA LEU A 227 12.76 -25.37 11.30
C LEU A 227 12.02 -26.63 11.75
N ALA A 228 11.70 -27.55 10.83
CA ALA A 228 11.07 -28.84 11.21
C ALA A 228 12.11 -29.67 12.01
N PRO A 229 11.75 -30.33 13.14
CA PRO A 229 12.76 -31.04 13.94
C PRO A 229 13.57 -32.11 13.18
N GLU A 230 12.97 -32.80 12.22
CA GLU A 230 13.68 -33.80 11.39
C GLU A 230 14.80 -33.18 10.53
N CYS A 231 14.82 -31.84 10.38
CA CYS A 231 15.87 -31.15 9.61
C CYS A 231 17.04 -30.75 10.49
N LEU A 232 16.91 -30.83 11.82
CA LEU A 232 18.01 -30.41 12.69
C LEU A 232 19.23 -31.34 12.50
N PRO A 233 19.10 -32.69 12.54
CA PRO A 233 20.26 -33.53 12.25
C PRO A 233 20.60 -33.54 10.77
N SER A 240 11.93 -33.19 2.32
CA SER A 240 10.52 -33.52 2.09
C SER A 240 9.60 -32.32 2.21
N THR A 241 8.43 -32.36 1.55
CA THR A 241 7.42 -31.30 1.65
C THR A 241 6.81 -31.28 3.04
N ALA A 242 6.90 -32.40 3.80
CA ALA A 242 6.42 -32.44 5.18
C ALA A 242 7.04 -31.36 6.09
N MET A 243 8.22 -30.80 5.75
CA MET A 243 8.84 -29.78 6.59
C MET A 243 8.10 -28.48 6.54
N ASP A 244 7.45 -28.20 5.40
CA ASP A 244 6.73 -26.94 5.24
C ASP A 244 5.45 -26.92 6.05
N LYS A 245 4.92 -28.08 6.45
CA LYS A 245 3.74 -28.13 7.32
C LYS A 245 4.15 -27.64 8.69
N TRP A 246 5.33 -28.03 9.18
CA TRP A 246 5.83 -27.50 10.45
C TRP A 246 6.09 -25.97 10.33
N GLY A 247 6.79 -25.52 9.28
CA GLY A 247 7.07 -24.10 9.06
C GLY A 247 5.80 -23.29 9.04
N PHE A 248 4.78 -23.80 8.34
CA PHE A 248 3.47 -23.20 8.28
C PHE A 248 2.87 -23.10 9.67
N GLY A 249 2.89 -24.18 10.45
CA GLY A 249 2.34 -24.15 11.80
C GLY A 249 3.03 -23.13 12.70
N ALA A 250 4.36 -23.05 12.62
CA ALA A 250 5.14 -22.12 13.43
C ALA A 250 4.83 -20.69 13.03
N THR A 251 4.62 -20.45 11.71
CA THR A 251 4.25 -19.14 11.21
C THR A 251 2.86 -18.75 11.69
N LEU A 252 1.90 -19.70 11.79
CA LEU A 252 0.58 -19.35 12.28
C LEU A 252 0.71 -18.93 13.75
N LEU A 253 1.58 -19.57 14.54
CA LEU A 253 1.79 -19.16 15.93
C LEU A 253 2.35 -17.73 15.99
N GLU A 254 3.37 -17.48 15.16
CA GLU A 254 4.00 -16.17 15.04
C GLU A 254 2.97 -15.10 14.67
N ILE A 255 2.05 -15.42 13.75
CA ILE A 255 0.98 -14.50 13.35
C ILE A 255 0.01 -14.25 14.52
N CYS A 256 -0.48 -15.32 15.15
CA CYS A 256 -1.38 -15.22 16.30
C CYS A 256 -0.76 -14.33 17.39
N PHE A 257 0.53 -14.48 17.63
CA PHE A 257 1.26 -13.66 18.63
C PHE A 257 1.78 -12.33 18.10
N ASP A 258 1.16 -11.79 17.04
CA ASP A 258 1.54 -10.48 16.49
C ASP A 258 3.03 -10.32 16.21
N GLY A 259 3.61 -11.34 15.58
CA GLY A 259 5.00 -11.33 15.14
C GLY A 259 6.02 -11.59 16.21
N GLU A 260 5.61 -12.18 17.33
CA GLU A 260 6.52 -12.58 18.41
C GLU A 260 6.54 -14.12 18.32
N ALA A 261 7.60 -14.69 17.79
CA ALA A 261 7.63 -16.15 17.66
C ALA A 261 7.99 -16.83 18.98
N PRO A 262 7.51 -18.07 19.22
CA PRO A 262 7.96 -18.78 20.42
C PRO A 262 9.45 -19.02 20.39
N LEU A 263 10.07 -19.13 21.57
CA LEU A 263 11.51 -19.36 21.72
C LEU A 263 12.41 -18.24 21.16
N GLN A 264 11.88 -17.04 20.86
CA GLN A 264 12.70 -15.90 20.35
C GLN A 264 13.71 -15.37 21.37
N SER A 265 13.41 -15.45 22.69
CA SER A 265 14.35 -14.95 23.72
C SER A 265 15.37 -16.04 24.18
N ARG A 266 15.30 -17.25 23.59
CA ARG A 266 16.14 -18.39 23.96
C ARG A 266 17.47 -18.43 23.21
N SER A 267 18.49 -19.03 23.87
CA SER A 267 19.84 -19.20 23.31
C SER A 267 19.82 -20.36 22.30
N PRO A 268 20.81 -20.45 21.39
CA PRO A 268 20.88 -21.63 20.49
C PRO A 268 20.84 -22.97 21.24
N SER A 269 21.58 -23.05 22.37
CA SER A 269 21.61 -24.24 23.22
C SER A 269 20.23 -24.60 23.77
N GLU A 270 19.48 -23.58 24.22
CA GLU A 270 18.11 -23.77 24.74
C GLU A 270 17.15 -24.18 23.64
N LYS A 271 17.32 -23.63 22.43
CA LYS A 271 16.47 -24.01 21.28
C LYS A 271 16.75 -25.44 20.84
N GLU A 272 18.04 -25.84 20.80
CA GLU A 272 18.42 -27.22 20.46
C GLU A 272 17.88 -28.21 21.52
N HIS A 273 18.01 -27.86 22.83
CA HIS A 273 17.46 -28.67 23.95
C HIS A 273 15.97 -28.88 23.83
N PHE A 274 15.22 -27.81 23.46
CA PHE A 274 13.77 -27.89 23.28
C PHE A 274 13.40 -28.97 22.28
N TYR A 275 14.10 -29.00 21.14
CA TYR A 275 13.85 -30.02 20.11
C TYR A 275 14.36 -31.39 20.53
N GLN A 276 15.53 -31.47 21.16
CA GLN A 276 16.10 -32.76 21.59
C GLN A 276 15.17 -33.49 22.58
N ARG A 277 14.53 -32.74 23.51
CA ARG A 277 13.59 -33.32 24.47
C ARG A 277 12.16 -33.46 23.94
N GLN A 278 11.93 -33.11 22.64
CA GLN A 278 10.65 -33.16 21.94
C GLN A 278 9.57 -32.32 22.63
N HIS A 279 9.97 -31.18 23.21
CA HIS A 279 8.99 -30.26 23.81
C HIS A 279 8.15 -29.67 22.68
N ARG A 280 6.87 -29.44 22.94
CA ARG A 280 5.96 -28.95 21.93
C ARG A 280 5.73 -27.43 22.07
N LEU A 281 5.61 -26.74 20.92
CA LEU A 281 5.45 -25.28 20.93
C LEU A 281 4.16 -24.84 21.58
N PRO A 282 4.05 -23.59 22.06
CA PRO A 282 2.81 -23.19 22.74
C PRO A 282 1.55 -23.29 21.92
N GLU A 283 0.43 -23.47 22.62
CA GLU A 283 -0.87 -23.48 21.98
C GLU A 283 -1.14 -22.00 21.68
N PRO A 284 -1.66 -21.66 20.51
CA PRO A 284 -1.90 -20.25 20.22
C PRO A 284 -2.97 -19.62 21.13
N SER A 285 -2.93 -18.29 21.28
CA SER A 285 -3.92 -17.53 22.06
C SER A 285 -5.25 -17.45 21.29
N CYS A 286 -5.20 -17.67 19.97
CA CYS A 286 -6.38 -17.71 19.09
C CYS A 286 -6.98 -19.13 19.11
N PRO A 287 -8.18 -19.38 19.68
CA PRO A 287 -8.73 -20.75 19.67
C PRO A 287 -9.05 -21.33 18.28
N GLN A 288 -9.29 -20.47 17.27
CA GLN A 288 -9.60 -20.91 15.89
C GLN A 288 -8.45 -21.68 15.18
N LEU A 289 -7.19 -21.51 15.63
CA LEU A 289 -6.03 -22.18 15.04
C LEU A 289 -5.33 -23.20 15.97
N ALA A 290 -5.87 -23.46 17.19
CA ALA A 290 -5.25 -24.38 18.14
C ALA A 290 -5.11 -25.82 17.64
N THR A 291 -6.17 -26.37 17.07
CA THR A 291 -6.13 -27.75 16.55
C THR A 291 -5.22 -27.83 15.32
N LEU A 292 -5.33 -26.88 14.41
CA LEU A 292 -4.52 -26.86 13.18
C LEU A 292 -3.01 -26.81 13.49
N THR A 293 -2.59 -25.93 14.40
CA THR A 293 -1.18 -25.80 14.78
C THR A 293 -0.67 -27.03 15.49
N SER A 294 -1.49 -27.64 16.36
CA SER A 294 -1.10 -28.87 17.06
C SER A 294 -0.88 -30.02 16.08
N GLN A 295 -1.70 -30.09 15.03
CA GLN A 295 -1.58 -31.13 13.99
C GLN A 295 -0.35 -30.89 13.10
N CYS A 296 -0.04 -29.62 12.81
CA CYS A 296 1.12 -29.27 11.98
C CYS A 296 2.41 -29.40 12.77
N LEU A 297 2.40 -29.04 14.06
CA LEU A 297 3.60 -29.05 14.89
C LEU A 297 3.81 -30.38 15.65
N THR A 298 3.70 -31.50 14.93
CA THR A 298 3.97 -32.84 15.49
C THR A 298 5.36 -33.26 15.01
N TYR A 299 6.14 -33.87 15.93
CA TYR A 299 7.47 -34.36 15.62
C TYR A 299 7.49 -35.46 14.56
N GLU A 300 6.41 -36.24 14.38
CA GLU A 300 6.33 -37.30 13.37
C GLU A 300 5.94 -36.64 12.06
N PRO A 301 6.82 -36.50 11.05
CA PRO A 301 6.43 -35.78 9.82
C PRO A 301 5.22 -36.32 9.07
N THR A 302 5.09 -37.65 8.99
CA THR A 302 3.99 -38.32 8.25
C THR A 302 2.63 -38.07 8.84
N GLN A 303 2.57 -37.71 10.13
CA GLN A 303 1.31 -37.42 10.83
C GLN A 303 0.80 -35.99 10.56
N ARG A 304 1.59 -35.12 9.86
CA ARG A 304 1.13 -33.76 9.60
C ARG A 304 0.11 -33.75 8.46
N PRO A 305 -0.96 -32.92 8.56
CA PRO A 305 -2.00 -32.94 7.52
C PRO A 305 -1.52 -32.33 6.20
N SER A 306 -2.17 -32.72 5.10
CA SER A 306 -1.82 -32.20 3.78
C SER A 306 -2.36 -30.77 3.66
N PHE A 307 -1.80 -29.98 2.76
CA PHE A 307 -2.25 -28.62 2.53
C PHE A 307 -3.63 -28.56 1.90
N ARG A 308 -4.03 -29.62 1.16
CA ARG A 308 -5.40 -29.71 0.65
C ARG A 308 -6.37 -29.76 1.83
N THR A 309 -6.05 -30.55 2.86
CA THR A 309 -6.86 -30.66 4.06
C THR A 309 -6.85 -29.35 4.86
N ILE A 310 -5.65 -28.81 5.15
CA ILE A 310 -5.49 -27.55 5.89
C ILE A 310 -6.31 -26.45 5.21
N LEU A 311 -6.17 -26.33 3.89
CA LEU A 311 -6.86 -25.30 3.11
C LEU A 311 -8.37 -25.47 3.10
N SER B 28 -24.42 19.30 12.27
CA SER B 28 -23.50 19.53 11.19
C SER B 28 -22.63 18.27 11.00
N PHE B 29 -21.85 17.97 12.04
CA PHE B 29 -20.94 16.85 12.12
C PHE B 29 -20.94 16.27 13.51
N HIS B 30 -20.44 15.06 13.64
CA HIS B 30 -20.31 14.35 14.90
C HIS B 30 -19.06 14.89 15.65
N ARG B 31 -19.13 14.94 16.98
CA ARG B 31 -18.03 15.37 17.82
C ARG B 31 -17.31 14.11 18.23
N VAL B 32 -16.01 14.08 18.06
CA VAL B 32 -15.20 12.91 18.42
C VAL B 32 -14.35 13.31 19.59
N ASP B 33 -14.42 12.55 20.69
CA ASP B 33 -13.60 12.80 21.85
C ASP B 33 -12.18 12.32 21.56
N GLN B 34 -11.16 13.01 22.08
CA GLN B 34 -9.79 12.58 21.85
C GLN B 34 -9.50 11.18 22.41
N LYS B 35 -10.29 10.68 23.39
CA LYS B 35 -10.11 9.31 23.92
C LYS B 35 -10.43 8.25 22.86
N GLU B 36 -11.22 8.59 21.85
CA GLU B 36 -11.62 7.65 20.80
C GLU B 36 -10.61 7.53 19.67
N ILE B 37 -9.63 8.44 19.57
CA ILE B 37 -8.67 8.40 18.47
C ILE B 37 -7.26 8.12 18.91
N THR B 38 -6.49 7.47 18.00
CA THR B 38 -5.07 7.23 18.18
C THR B 38 -4.39 7.81 16.96
N GLN B 39 -3.37 8.65 17.15
CA GLN B 39 -2.65 9.28 16.03
C GLN B 39 -1.43 8.42 15.72
N LEU B 40 -1.33 7.95 14.47
CA LEU B 40 -0.25 7.09 13.99
C LEU B 40 0.67 7.91 13.03
N SER B 41 1.28 7.30 12.00
CA SER B 41 2.28 7.92 11.13
C SER B 41 1.81 9.12 10.34
N HIS B 42 2.73 10.07 10.11
CA HIS B 42 2.52 11.25 9.27
C HIS B 42 2.44 10.81 7.82
N LEU B 43 1.36 11.23 7.11
CA LEU B 43 1.16 10.90 5.70
C LEU B 43 1.50 12.01 4.77
N GLY B 44 1.28 13.24 5.20
CA GLY B 44 1.57 14.38 4.36
C GLY B 44 1.00 15.66 4.93
N GLN B 45 1.07 16.71 4.15
CA GLN B 45 0.60 18.00 4.58
C GLN B 45 -0.34 18.62 3.60
N GLY B 46 -1.37 19.29 4.09
CA GLY B 46 -2.30 20.06 3.30
C GLY B 46 -2.22 21.53 3.64
N THR B 47 -3.12 22.34 3.11
CA THR B 47 -3.14 23.78 3.41
C THR B 47 -3.48 23.96 4.87
N ARG B 48 -2.46 24.40 5.66
CA ARG B 48 -2.56 24.63 7.09
C ARG B 48 -2.88 23.36 7.89
N THR B 49 -2.57 22.18 7.34
CA THR B 49 -2.79 20.92 8.03
C THR B 49 -1.66 19.94 7.87
N ASN B 50 -1.63 18.97 8.77
CA ASN B 50 -0.78 17.81 8.75
C ASN B 50 -1.74 16.62 8.72
N VAL B 51 -1.46 15.66 7.86
CA VAL B 51 -2.32 14.49 7.67
C VAL B 51 -1.62 13.28 8.28
N TYR B 52 -2.33 12.52 9.13
CA TYR B 52 -1.79 11.32 9.74
C TYR B 52 -2.72 10.15 9.55
N GLU B 53 -2.20 8.95 9.63
CA GLU B 53 -2.98 7.73 9.68
C GLU B 53 -3.40 7.63 11.15
N GLY B 54 -4.49 6.93 11.43
CA GLY B 54 -4.92 6.78 12.80
C GLY B 54 -5.92 5.67 12.98
N ARG B 55 -6.38 5.50 14.20
CA ARG B 55 -7.48 4.54 14.53
C ARG B 55 -8.59 5.25 15.26
N LEU B 56 -9.84 4.86 14.97
CA LEU B 56 -11.01 5.41 15.63
C LEU B 56 -11.71 4.25 16.33
N ARG B 57 -11.96 4.38 17.65
CA ARG B 57 -12.62 3.31 18.40
C ARG B 57 -14.11 3.32 18.08
N GLU B 84 -12.43 -1.17 16.18
CA GLU B 84 -11.63 -0.05 15.66
C GLU B 84 -11.69 0.09 14.15
N LEU B 85 -11.53 1.31 13.67
CA LEU B 85 -11.46 1.59 12.25
C LEU B 85 -10.18 2.35 11.93
N ARG B 86 -9.59 2.08 10.76
CA ARG B 86 -8.44 2.83 10.29
C ARG B 86 -9.01 4.10 9.77
N VAL B 87 -8.41 5.24 10.12
CA VAL B 87 -8.87 6.54 9.67
C VAL B 87 -7.67 7.40 9.29
N VAL B 88 -7.99 8.59 8.79
CA VAL B 88 -7.00 9.62 8.53
C VAL B 88 -7.43 10.86 9.32
N LEU B 89 -6.49 11.41 10.04
CA LEU B 89 -6.68 12.57 10.88
C LEU B 89 -6.11 13.76 10.17
N LYS B 90 -6.90 14.81 9.93
CA LYS B 90 -6.41 16.03 9.31
C LYS B 90 -6.32 17.06 10.41
N VAL B 91 -5.09 17.30 10.87
CA VAL B 91 -4.82 18.15 12.01
C VAL B 91 -4.54 19.57 11.55
N LEU B 92 -5.46 20.46 11.84
CA LEU B 92 -5.32 21.87 11.50
C LEU B 92 -4.29 22.54 12.42
N ASP B 93 -3.41 23.32 11.86
CA ASP B 93 -2.46 24.11 12.66
C ASP B 93 -3.19 24.98 13.69
N PRO B 94 -2.54 25.42 14.81
CA PRO B 94 -3.18 26.45 15.65
C PRO B 94 -3.60 27.62 14.73
N SER B 95 -4.87 28.05 14.83
CA SER B 95 -5.48 28.98 13.87
C SER B 95 -6.40 29.98 14.52
N HIS B 96 -6.67 31.04 13.77
CA HIS B 96 -7.63 32.02 14.17
C HIS B 96 -9.02 31.39 14.02
N HIS B 97 -9.97 31.93 14.77
CA HIS B 97 -11.36 31.49 14.77
C HIS B 97 -11.98 31.48 13.38
N ASP B 98 -11.66 32.43 12.52
CA ASP B 98 -12.23 32.44 11.16
C ASP B 98 -11.72 31.25 10.31
N ILE B 99 -10.44 30.88 10.46
CA ILE B 99 -9.85 29.71 9.77
C ILE B 99 -10.47 28.44 10.35
N ALA B 100 -10.59 28.31 11.71
CA ALA B 100 -11.23 27.12 12.27
C ALA B 100 -12.64 27.00 11.76
N LEU B 101 -13.39 28.10 11.71
CA LEU B 101 -14.76 28.03 11.18
C LEU B 101 -14.82 27.51 9.74
N ALA B 102 -13.93 27.97 8.85
CA ALA B 102 -13.91 27.48 7.48
C ALA B 102 -13.60 25.94 7.46
N PHE B 103 -12.82 25.46 8.43
CA PHE B 103 -12.50 24.03 8.58
C PHE B 103 -13.76 23.27 9.03
N TYR B 104 -14.51 23.82 9.98
CA TYR B 104 -15.76 23.23 10.46
C TYR B 104 -16.78 23.21 9.34
N GLU B 105 -16.84 24.25 8.52
CA GLU B 105 -17.77 24.31 7.37
C GLU B 105 -17.52 23.15 6.39
N THR B 106 -16.25 22.83 6.13
CA THR B 106 -15.87 21.66 5.31
C THR B 106 -16.32 20.38 5.99
N ALA B 107 -16.06 20.25 7.29
CA ALA B 107 -16.52 19.03 8.01
C ALA B 107 -18.05 18.89 7.91
N SER B 108 -18.79 20.01 8.00
CA SER B 108 -20.26 20.03 7.94
C SER B 108 -20.73 19.61 6.56
N LEU B 109 -20.14 20.20 5.52
CA LEU B 109 -20.43 19.89 4.11
C LEU B 109 -20.26 18.38 3.82
N MET B 110 -19.09 17.87 4.15
CA MET B 110 -18.77 16.46 3.91
C MET B 110 -19.56 15.48 4.73
N SER B 111 -20.01 15.89 5.91
CA SER B 111 -20.86 15.06 6.77
C SER B 111 -22.32 15.00 6.28
N GLN B 112 -22.78 15.99 5.49
CA GLN B 112 -24.17 16.05 5.00
C GLN B 112 -24.35 15.49 3.59
N VAL B 113 -23.28 15.03 2.98
CA VAL B 113 -23.33 14.46 1.64
C VAL B 113 -22.97 13.00 1.74
N SER B 114 -23.39 12.21 0.77
CA SER B 114 -23.08 10.79 0.73
C SER B 114 -23.00 10.38 -0.71
N HIS B 115 -21.85 9.85 -1.14
CA HIS B 115 -21.60 9.42 -2.53
C HIS B 115 -20.45 8.43 -2.51
N THR B 116 -20.52 7.41 -3.31
CA THR B 116 -19.49 6.39 -3.27
C THR B 116 -18.11 6.93 -3.67
N HIS B 117 -18.02 8.04 -4.42
CA HIS B 117 -16.72 8.62 -4.77
C HIS B 117 -16.37 9.88 -3.97
N LEU B 118 -16.95 10.06 -2.80
CA LEU B 118 -16.62 11.18 -1.92
C LEU B 118 -16.17 10.55 -0.65
N ALA B 119 -15.11 11.08 -0.05
CA ALA B 119 -14.61 10.51 1.19
C ALA B 119 -15.54 10.75 2.36
N PHE B 120 -15.68 9.76 3.25
CA PHE B 120 -16.50 9.89 4.44
C PHE B 120 -15.79 10.69 5.53
N VAL B 121 -16.54 11.54 6.27
CA VAL B 121 -16.02 12.27 7.43
C VAL B 121 -16.69 11.67 8.69
N HIS B 122 -15.90 11.21 9.62
CA HIS B 122 -16.41 10.63 10.88
C HIS B 122 -16.79 11.66 11.89
N GLY B 123 -16.14 12.81 11.81
CA GLY B 123 -16.44 13.89 12.73
C GLY B 123 -15.23 14.77 12.98
N VAL B 124 -15.33 15.58 14.02
CA VAL B 124 -14.30 16.57 14.39
C VAL B 124 -13.93 16.39 15.85
N CYS B 125 -12.63 16.44 16.13
CA CYS B 125 -12.11 16.35 17.49
C CYS B 125 -11.33 17.64 17.75
N VAL B 126 -11.51 18.24 18.92
CA VAL B 126 -10.74 19.43 19.30
C VAL B 126 -9.76 18.93 20.34
N ARG B 127 -8.47 19.12 20.10
CA ARG B 127 -7.41 18.65 20.99
C ARG B 127 -6.50 19.86 21.26
N GLY B 128 -6.77 20.54 22.38
CA GLY B 128 -6.06 21.77 22.71
C GLY B 128 -6.29 22.80 21.62
N PRO B 129 -5.22 23.40 21.05
CA PRO B 129 -5.44 24.33 19.95
C PRO B 129 -5.61 23.68 18.57
N GLU B 130 -5.60 22.34 18.49
CA GLU B 130 -5.72 21.62 17.24
C GLU B 130 -7.12 21.14 16.96
N ASN B 131 -7.62 21.44 15.77
CA ASN B 131 -8.90 20.97 15.28
C ASN B 131 -8.56 19.83 14.37
N ILE B 132 -9.17 18.66 14.61
CA ILE B 132 -8.88 17.44 13.86
C ILE B 132 -10.12 16.94 13.13
N MET B 133 -10.08 16.80 11.83
CA MET B 133 -11.14 16.17 11.08
C MET B 133 -10.76 14.69 11.00
N VAL B 134 -11.65 13.79 11.41
CA VAL B 134 -11.46 12.35 11.43
C VAL B 134 -12.15 11.88 10.17
N THR B 135 -11.38 11.37 9.19
CA THR B 135 -11.89 11.06 7.88
C THR B 135 -11.54 9.65 7.48
N GLU B 136 -12.15 9.22 6.38
CA GLU B 136 -11.97 7.92 5.80
C GLU B 136 -10.53 7.64 5.37
N TYR B 137 -10.03 6.48 5.70
CA TYR B 137 -8.70 6.03 5.24
C TYR B 137 -8.89 5.21 3.94
N VAL B 138 -8.06 5.44 2.92
CA VAL B 138 -8.03 4.59 1.72
C VAL B 138 -6.61 3.98 1.70
N GLU B 139 -6.49 2.76 1.19
CA GLU B 139 -5.22 2.03 1.15
C GLU B 139 -4.05 2.70 0.42
N HIS B 140 -4.28 3.30 -0.76
CA HIS B 140 -3.18 3.71 -1.65
C HIS B 140 -2.82 5.16 -1.69
N GLY B 141 -3.58 6.00 -1.02
CA GLY B 141 -3.27 7.41 -0.93
C GLY B 141 -3.51 8.25 -2.15
N PRO B 142 -2.89 9.44 -2.16
CA PRO B 142 -3.11 10.41 -3.24
C PRO B 142 -2.73 9.92 -4.63
N LEU B 143 -3.61 10.24 -5.57
CA LEU B 143 -3.43 9.89 -6.97
C LEU B 143 -2.16 10.49 -7.61
N ASP B 144 -1.90 11.78 -7.41
CA ASP B 144 -0.74 12.42 -8.07
C ASP B 144 0.59 11.72 -7.70
N VAL B 145 0.73 11.29 -6.44
CA VAL B 145 1.93 10.62 -5.93
C VAL B 145 2.11 9.29 -6.62
N TRP B 146 1.04 8.52 -6.69
CA TRP B 146 1.04 7.23 -7.35
C TRP B 146 1.34 7.36 -8.85
N LEU B 147 0.73 8.33 -9.51
CA LEU B 147 0.97 8.52 -10.95
C LEU B 147 2.45 8.80 -11.25
N ARG B 148 3.12 9.60 -10.45
CA ARG B 148 4.52 9.95 -10.69
C ARG B 148 5.40 8.76 -10.47
N ARG B 149 5.09 7.92 -9.47
CA ARG B 149 5.83 6.68 -9.23
C ARG B 149 5.62 5.67 -10.36
N GLU B 150 4.41 5.61 -10.94
CA GLU B 150 4.10 4.70 -12.04
C GLU B 150 4.21 5.35 -13.43
N ARG B 151 4.88 6.49 -13.55
CA ARG B 151 4.99 7.22 -14.80
C ARG B 151 5.39 6.33 -15.98
N GLY B 152 4.66 6.46 -17.09
CA GLY B 152 4.94 5.71 -18.31
C GLY B 152 4.25 4.37 -18.43
N HIS B 153 3.65 3.80 -17.36
CA HIS B 153 2.92 2.54 -17.52
C HIS B 153 1.52 2.58 -16.85
N VAL B 154 0.84 3.76 -16.95
CA VAL B 154 -0.54 3.91 -16.49
C VAL B 154 -1.33 4.00 -17.77
N PRO B 155 -2.08 2.96 -18.15
CA PRO B 155 -2.80 3.03 -19.44
C PRO B 155 -3.96 4.02 -19.45
N MET B 156 -4.31 4.49 -20.66
CA MET B 156 -5.35 5.46 -20.90
C MET B 156 -6.72 4.97 -20.43
N ALA B 157 -7.01 3.67 -20.53
CA ALA B 157 -8.30 3.13 -20.08
C ALA B 157 -8.44 3.29 -18.56
N TRP B 158 -7.34 3.14 -17.81
CA TRP B 158 -7.30 3.32 -16.35
C TRP B 158 -7.61 4.79 -15.99
N LYS B 159 -7.02 5.74 -16.74
CA LYS B 159 -7.19 7.18 -16.52
C LYS B 159 -8.62 7.63 -16.81
N MET B 160 -9.28 6.97 -17.76
CA MET B 160 -10.66 7.26 -18.14
C MET B 160 -11.64 6.80 -17.09
N VAL B 161 -11.34 5.71 -16.38
CA VAL B 161 -12.21 5.23 -15.30
C VAL B 161 -12.14 6.28 -14.18
N VAL B 162 -10.94 6.75 -13.84
CA VAL B 162 -10.75 7.77 -12.80
C VAL B 162 -11.51 9.02 -13.15
N ALA B 163 -11.39 9.51 -14.40
CA ALA B 163 -12.10 10.70 -14.86
C ALA B 163 -13.60 10.60 -14.73
N GLN B 164 -14.17 9.46 -15.07
CA GLN B 164 -15.62 9.24 -14.97
C GLN B 164 -16.04 9.24 -13.51
N GLN B 165 -15.25 8.57 -12.68
CA GLN B 165 -15.58 8.50 -11.27
C GLN B 165 -15.52 9.91 -10.62
N LEU B 166 -14.52 10.71 -10.97
CA LEU B 166 -14.42 12.07 -10.45
C LEU B 166 -15.58 12.92 -10.93
N ALA B 167 -15.91 12.83 -12.22
CA ALA B 167 -17.06 13.57 -12.79
C ALA B 167 -18.38 13.16 -12.15
N SER B 168 -18.48 11.92 -11.71
CA SER B 168 -19.67 11.42 -11.01
C SER B 168 -19.80 12.10 -9.66
N ALA B 169 -18.70 12.17 -8.88
CA ALA B 169 -18.75 12.84 -7.57
C ALA B 169 -19.10 14.31 -7.75
N LEU B 170 -18.53 14.94 -8.77
CA LEU B 170 -18.75 16.37 -9.01
C LEU B 170 -20.14 16.67 -9.59
N SER B 171 -20.72 15.75 -10.36
CA SER B 171 -22.11 15.91 -10.83
C SER B 171 -23.07 15.88 -9.62
N TYR B 172 -22.83 14.99 -8.68
CA TYR B 172 -23.61 14.87 -7.46
C TYR B 172 -23.52 16.19 -6.67
N LEU B 173 -22.32 16.75 -6.53
CA LEU B 173 -22.19 18.03 -5.81
C LEU B 173 -22.87 19.17 -6.56
N GLU B 174 -22.70 19.22 -7.89
CA GLU B 174 -23.33 20.25 -8.73
C GLU B 174 -24.84 20.21 -8.62
N ASN B 175 -25.42 19.00 -8.61
CA ASN B 175 -26.87 18.82 -8.48
C ASN B 175 -27.43 19.31 -7.13
N LYS B 176 -26.58 19.28 -6.06
CA LYS B 176 -26.92 19.81 -4.75
C LYS B 176 -26.46 21.28 -4.55
N ASN B 177 -25.92 21.94 -5.60
CA ASN B 177 -25.40 23.31 -5.56
C ASN B 177 -24.29 23.49 -4.52
N LEU B 178 -23.41 22.48 -4.38
CA LEU B 178 -22.32 22.50 -3.41
C LEU B 178 -21.01 22.64 -4.13
N VAL B 179 -20.12 23.46 -3.57
CA VAL B 179 -18.81 23.77 -4.14
C VAL B 179 -17.74 23.03 -3.34
N HIS B 180 -16.81 22.37 -4.04
CA HIS B 180 -15.70 21.65 -3.40
C HIS B 180 -14.60 22.70 -3.25
N GLY B 181 -14.14 23.24 -4.36
CA GLY B 181 -13.11 24.26 -4.37
C GLY B 181 -11.67 23.83 -4.23
N ASN B 182 -11.39 22.52 -4.24
CA ASN B 182 -10.03 22.05 -4.13
C ASN B 182 -9.84 20.73 -4.87
N VAL B 183 -10.37 20.67 -6.12
CA VAL B 183 -10.23 19.48 -6.94
C VAL B 183 -8.83 19.51 -7.53
N CYS B 184 -8.02 18.49 -7.22
CA CYS B 184 -6.67 18.33 -7.71
C CYS B 184 -6.28 16.89 -7.47
N GLY B 185 -5.24 16.43 -8.14
CA GLY B 185 -4.72 15.06 -7.99
C GLY B 185 -4.40 14.68 -6.57
N ARG B 186 -3.86 15.62 -5.76
CA ARG B 186 -3.53 15.32 -4.36
C ARG B 186 -4.78 14.95 -3.55
N ASN B 187 -5.95 15.45 -3.95
CA ASN B 187 -7.21 15.20 -3.26
C ASN B 187 -8.04 14.09 -3.88
N ILE B 188 -7.46 13.32 -4.80
CA ILE B 188 -8.13 12.14 -5.34
C ILE B 188 -7.39 10.99 -4.69
N LEU B 189 -8.16 10.20 -3.96
CA LEU B 189 -7.63 9.15 -3.15
C LEU B 189 -7.91 7.82 -3.83
N LEU B 190 -6.92 6.98 -3.92
CA LEU B 190 -7.10 5.65 -4.52
C LEU B 190 -7.51 4.61 -3.48
N ALA B 191 -8.81 4.16 -3.49
CA ALA B 191 -9.29 3.09 -2.60
C ALA B 191 -8.86 1.74 -3.17
N ARG B 192 -8.83 1.61 -4.50
CA ARG B 192 -8.38 0.44 -5.21
C ARG B 192 -7.54 0.88 -6.38
N LEU B 193 -6.43 0.16 -6.68
CA LEU B 193 -5.65 0.39 -7.87
C LEU B 193 -6.26 -0.43 -8.99
N GLY B 194 -6.83 -1.59 -8.66
CA GLY B 194 -7.41 -2.49 -9.65
C GLY B 194 -6.40 -3.31 -10.41
N LEU B 195 -5.21 -3.52 -9.81
CA LEU B 195 -4.06 -4.18 -10.43
C LEU B 195 -3.89 -5.61 -9.92
N ALA B 196 -3.92 -5.80 -8.59
CA ALA B 196 -3.82 -7.12 -7.95
C ALA B 196 -4.99 -8.01 -8.40
N GLU B 197 -6.20 -7.44 -8.43
CA GLU B 197 -7.42 -8.15 -8.87
C GLU B 197 -7.68 -7.99 -10.40
N GLY B 198 -7.06 -6.97 -11.01
CA GLY B 198 -7.16 -6.64 -12.44
C GLY B 198 -8.45 -5.97 -12.87
N THR B 199 -9.30 -5.57 -11.93
CA THR B 199 -10.65 -5.06 -12.23
C THR B 199 -10.89 -3.52 -12.29
N SER B 200 -9.89 -2.65 -12.27
CA SER B 200 -10.05 -1.18 -12.46
C SER B 200 -10.03 -0.39 -11.16
N PRO B 201 -9.61 0.88 -11.25
CA PRO B 201 -9.44 1.68 -10.03
C PRO B 201 -10.75 2.19 -9.46
N PHE B 202 -10.68 2.63 -8.20
CA PHE B 202 -11.80 3.16 -7.45
C PHE B 202 -11.25 4.33 -6.65
N ILE B 203 -11.78 5.51 -6.84
CA ILE B 203 -11.31 6.72 -6.17
C ILE B 203 -12.32 7.27 -5.20
N LYS B 204 -11.84 8.12 -4.28
CA LYS B 204 -12.67 8.93 -3.41
C LYS B 204 -12.09 10.33 -3.46
N LEU B 205 -12.93 11.33 -3.69
CA LEU B 205 -12.50 12.73 -3.64
C LEU B 205 -12.45 13.10 -2.18
N SER B 206 -11.30 13.57 -1.76
CA SER B 206 -11.13 13.98 -0.39
C SER B 206 -11.95 15.22 -0.08
N ASP B 207 -12.09 15.49 1.20
CA ASP B 207 -12.67 16.76 1.63
C ASP B 207 -11.76 17.90 1.12
N PRO B 208 -12.29 19.11 0.91
CA PRO B 208 -11.44 20.20 0.41
C PRO B 208 -10.54 20.89 1.45
N GLY B 209 -10.59 20.47 2.72
CA GLY B 209 -9.79 21.08 3.79
C GLY B 209 -10.28 22.48 4.13
N VAL B 210 -9.39 23.42 4.50
CA VAL B 210 -9.82 24.81 4.80
C VAL B 210 -10.49 25.40 3.57
N GLY B 211 -11.71 25.90 3.74
CA GLY B 211 -12.45 26.54 2.68
C GLY B 211 -11.67 27.61 1.94
N LEU B 212 -11.75 27.56 0.61
CA LEU B 212 -11.04 28.48 -0.30
C LEU B 212 -11.27 29.97 0.04
N GLY B 213 -12.48 30.32 0.46
CA GLY B 213 -12.79 31.69 0.85
C GLY B 213 -11.97 32.22 2.03
N ALA B 214 -11.41 31.32 2.89
CA ALA B 214 -10.62 31.73 4.05
C ALA B 214 -9.12 31.84 3.78
N LEU B 215 -8.66 31.46 2.58
CA LEU B 215 -7.24 31.46 2.25
C LEU B 215 -6.76 32.83 1.77
N SER B 216 -5.46 33.06 1.91
CA SER B 216 -4.82 34.32 1.51
C SER B 216 -4.55 34.29 0.03
N ARG B 217 -4.26 35.45 -0.58
CA ARG B 217 -3.91 35.53 -2.00
C ARG B 217 -2.73 34.64 -2.33
N GLU B 218 -1.70 34.60 -1.47
CA GLU B 218 -0.52 33.80 -1.68
C GLU B 218 -0.84 32.30 -1.79
N GLU B 219 -1.76 31.83 -0.94
CA GLU B 219 -2.21 30.43 -0.93
C GLU B 219 -3.04 30.15 -2.18
N ARG B 220 -3.86 31.11 -2.62
CA ARG B 220 -4.63 30.94 -3.86
C ARG B 220 -3.69 30.87 -5.10
N VAL B 221 -2.61 31.67 -5.11
CA VAL B 221 -1.63 31.63 -6.20
C VAL B 221 -0.92 30.27 -6.17
N GLU B 222 -0.67 29.71 -4.99
CA GLU B 222 -0.02 28.40 -4.87
C GLU B 222 -0.89 27.30 -5.46
N ARG B 223 -2.20 27.51 -5.51
CA ARG B 223 -3.18 26.56 -6.03
C ARG B 223 -3.36 26.63 -7.56
N ILE B 224 -2.68 27.58 -8.24
CA ILE B 224 -2.68 27.64 -9.72
C ILE B 224 -1.85 26.43 -10.17
N PRO B 225 -2.24 25.64 -11.18
CA PRO B 225 -3.35 25.80 -12.14
C PRO B 225 -4.69 25.17 -11.79
N TRP B 226 -4.87 24.61 -10.57
CA TRP B 226 -6.14 24.00 -10.20
C TRP B 226 -7.15 25.10 -9.82
N LEU B 227 -6.66 26.24 -9.33
CA LEU B 227 -7.51 27.37 -8.96
C LEU B 227 -8.22 27.97 -10.19
N ALA B 228 -9.55 28.15 -10.14
CA ALA B 228 -10.27 28.81 -11.25
C ALA B 228 -9.84 30.31 -11.29
N PRO B 229 -9.57 30.91 -12.48
CA PRO B 229 -9.08 32.31 -12.51
C PRO B 229 -9.95 33.36 -11.83
N GLU B 230 -11.27 33.16 -11.88
CA GLU B 230 -12.23 34.07 -11.19
C GLU B 230 -12.08 34.04 -9.65
N CYS B 231 -11.37 33.05 -9.08
CA CYS B 231 -11.11 32.96 -7.63
C CYS B 231 -9.82 33.67 -7.24
N LEU B 232 -8.96 34.06 -8.22
CA LEU B 232 -7.69 34.73 -7.88
C LEU B 232 -7.92 36.08 -7.19
N PRO B 233 -8.81 36.97 -7.73
CA PRO B 233 -9.11 38.22 -7.00
C PRO B 233 -10.05 37.96 -5.83
N SER B 240 -19.15 29.75 -6.51
CA SER B 240 -19.93 29.10 -7.57
C SER B 240 -19.42 27.71 -7.92
N THR B 241 -20.32 26.78 -8.33
CA THR B 241 -19.94 25.42 -8.75
C THR B 241 -19.16 25.45 -10.02
N ALA B 242 -19.26 26.58 -10.81
CA ALA B 242 -18.44 26.73 -12.02
C ALA B 242 -16.95 26.57 -11.75
N MET B 243 -16.46 26.93 -10.53
CA MET B 243 -15.01 26.83 -10.26
C MET B 243 -14.51 25.39 -10.30
N ASP B 244 -15.34 24.41 -9.93
CA ASP B 244 -14.93 23.01 -9.91
C ASP B 244 -14.79 22.42 -11.33
N LYS B 245 -15.35 23.06 -12.37
CA LYS B 245 -15.11 22.58 -13.74
C LYS B 245 -13.71 22.88 -14.10
N TRP B 246 -13.24 24.06 -13.73
CA TRP B 246 -11.84 24.38 -14.00
C TRP B 246 -10.93 23.39 -13.24
N GLY B 247 -11.17 23.18 -11.94
CA GLY B 247 -10.35 22.27 -11.12
C GLY B 247 -10.35 20.88 -11.72
N PHE B 248 -11.52 20.43 -12.17
CA PHE B 248 -11.67 19.14 -12.84
C PHE B 248 -10.83 19.10 -14.11
N GLY B 249 -10.91 20.13 -14.93
CA GLY B 249 -10.10 20.17 -16.16
C GLY B 249 -8.61 20.14 -15.91
N ALA B 250 -8.14 20.90 -14.90
CA ALA B 250 -6.72 20.94 -14.56
C ALA B 250 -6.26 19.60 -14.03
N THR B 251 -7.15 18.89 -13.27
CA THR B 251 -6.85 17.55 -12.77
C THR B 251 -6.76 16.56 -13.90
N LEU B 252 -7.61 16.67 -14.94
CA LEU B 252 -7.50 15.78 -16.10
C LEU B 252 -6.15 15.97 -16.78
N LEU B 253 -5.67 17.19 -16.87
CA LEU B 253 -4.34 17.44 -17.46
C LEU B 253 -3.25 16.78 -16.61
N GLU B 254 -3.33 16.99 -15.31
CA GLU B 254 -2.41 16.40 -14.34
C GLU B 254 -2.39 14.87 -14.48
N ILE B 255 -3.57 14.24 -14.64
CA ILE B 255 -3.67 12.80 -14.81
C ILE B 255 -3.02 12.34 -16.12
N CYS B 256 -3.40 13.00 -17.23
CA CYS B 256 -2.83 12.70 -18.55
C CYS B 256 -1.30 12.77 -18.50
N PHE B 257 -0.75 13.78 -17.82
CA PHE B 257 0.70 13.94 -17.67
C PHE B 257 1.33 13.14 -16.52
N ASP B 258 0.67 12.05 -16.08
CA ASP B 258 1.20 11.19 -15.02
C ASP B 258 1.63 11.95 -13.77
N GLY B 259 0.76 12.83 -13.32
CA GLY B 259 0.93 13.57 -12.08
C GLY B 259 1.88 14.73 -12.12
N GLU B 260 2.21 15.23 -13.31
CA GLU B 260 3.06 16.39 -13.51
C GLU B 260 2.07 17.49 -13.95
N ALA B 261 1.73 18.42 -13.09
CA ALA B 261 0.77 19.45 -13.48
C ALA B 261 1.44 20.57 -14.28
N PRO B 262 0.70 21.23 -15.19
CA PRO B 262 1.29 22.40 -15.86
C PRO B 262 1.65 23.50 -14.88
N LEU B 263 2.64 24.30 -15.21
CA LEU B 263 3.12 25.42 -14.39
C LEU B 263 3.70 25.01 -13.05
N ARG B 266 7.06 26.85 -12.18
CA ARG B 266 6.93 28.31 -12.25
C ARG B 266 6.84 28.95 -10.86
N SER B 267 7.30 30.21 -10.77
CA SER B 267 7.27 31.01 -9.54
C SER B 267 5.84 31.52 -9.30
N PRO B 268 5.49 31.94 -8.06
CA PRO B 268 4.16 32.54 -7.84
C PRO B 268 3.86 33.70 -8.78
N SER B 269 4.87 34.59 -9.00
CA SER B 269 4.76 35.73 -9.92
C SER B 269 4.44 35.28 -11.35
N GLU B 270 5.12 34.22 -11.82
CA GLU B 270 4.91 33.67 -13.16
C GLU B 270 3.53 33.03 -13.28
N LYS B 271 3.06 32.35 -12.22
CA LYS B 271 1.72 31.74 -12.22
C LYS B 271 0.64 32.81 -12.22
N GLU B 272 0.82 33.89 -11.43
CA GLU B 272 -0.12 35.01 -11.40
C GLU B 272 -0.18 35.72 -12.79
N HIS B 273 0.99 35.94 -13.43
CA HIS B 273 1.06 36.57 -14.77
C HIS B 273 0.33 35.72 -15.79
N PHE B 274 0.52 34.38 -15.74
CA PHE B 274 -0.15 33.47 -16.66
C PHE B 274 -1.64 33.69 -16.67
N TYR B 275 -2.24 33.81 -15.46
CA TYR B 275 -3.66 34.07 -15.34
C TYR B 275 -4.03 35.50 -15.71
N GLN B 276 -3.22 36.48 -15.31
CA GLN B 276 -3.51 37.91 -15.64
C GLN B 276 -3.59 38.14 -17.16
N ARG B 277 -2.67 37.49 -17.94
CA ARG B 277 -2.67 37.61 -19.41
C ARG B 277 -3.63 36.65 -20.11
N GLN B 278 -4.42 35.87 -19.32
CA GLN B 278 -5.38 34.88 -19.80
C GLN B 278 -4.75 33.81 -20.70
N HIS B 279 -3.51 33.43 -20.40
CA HIS B 279 -2.85 32.34 -21.15
C HIS B 279 -3.59 31.04 -20.83
N ARG B 280 -3.71 30.16 -21.81
CA ARG B 280 -4.46 28.93 -21.65
C ARG B 280 -3.52 27.73 -21.40
N LEU B 281 -3.95 26.81 -20.53
CA LEU B 281 -3.13 25.66 -20.15
C LEU B 281 -2.87 24.73 -21.31
N PRO B 282 -1.80 23.90 -21.26
CA PRO B 282 -1.53 23.02 -22.42
C PRO B 282 -2.63 22.06 -22.82
N GLU B 283 -2.63 21.69 -24.09
CA GLU B 283 -3.56 20.68 -24.60
C GLU B 283 -2.99 19.36 -24.08
N PRO B 284 -3.81 18.44 -23.60
CA PRO B 284 -3.24 17.17 -23.10
C PRO B 284 -2.61 16.32 -24.21
N SER B 285 -1.69 15.43 -23.82
CA SER B 285 -1.01 14.49 -24.74
C SER B 285 -2.00 13.38 -25.15
N CYS B 286 -3.07 13.17 -24.35
CA CYS B 286 -4.13 12.19 -24.62
C CYS B 286 -5.19 12.84 -25.51
N PRO B 287 -5.36 12.43 -26.80
CA PRO B 287 -6.39 13.06 -27.64
C PRO B 287 -7.84 12.87 -27.17
N GLN B 288 -8.13 11.81 -26.40
CA GLN B 288 -9.48 11.53 -25.87
C GLN B 288 -10.05 12.60 -24.90
N LEU B 289 -9.17 13.41 -24.26
CA LEU B 289 -9.59 14.45 -23.32
C LEU B 289 -9.28 15.90 -23.77
N ALA B 290 -8.76 16.10 -25.01
CA ALA B 290 -8.42 17.44 -25.51
C ALA B 290 -9.58 18.41 -25.58
N THR B 291 -10.70 17.98 -26.16
CA THR B 291 -11.88 18.86 -26.27
C THR B 291 -12.48 19.14 -24.89
N LEU B 292 -12.60 18.11 -24.06
CA LEU B 292 -13.19 18.25 -22.71
C LEU B 292 -12.39 19.24 -21.84
N THR B 293 -11.07 19.13 -21.83
CA THR B 293 -10.21 20.04 -21.04
C THR B 293 -10.26 21.46 -21.55
N SER B 294 -10.29 21.63 -22.88
CA SER B 294 -10.38 22.97 -23.48
C SER B 294 -11.70 23.66 -23.08
N GLN B 295 -12.80 22.89 -23.03
CA GLN B 295 -14.11 23.41 -22.65
C GLN B 295 -14.17 23.75 -21.14
N CYS B 296 -13.52 22.93 -20.30
CA CYS B 296 -13.48 23.17 -18.87
C CYS B 296 -12.54 24.30 -18.50
N LEU B 297 -11.41 24.41 -19.20
CA LEU B 297 -10.40 25.42 -18.89
C LEU B 297 -10.57 26.74 -19.67
N THR B 298 -11.81 27.27 -19.68
CA THR B 298 -12.12 28.56 -20.29
C THR B 298 -12.23 29.60 -19.18
N TYR B 299 -11.67 30.78 -19.41
CA TYR B 299 -11.70 31.88 -18.44
C TYR B 299 -13.10 32.38 -18.14
N GLU B 300 -14.09 32.22 -19.05
CA GLU B 300 -15.47 32.64 -18.81
C GLU B 300 -16.14 31.51 -18.04
N PRO B 301 -16.48 31.67 -16.74
CA PRO B 301 -17.06 30.54 -16.00
C PRO B 301 -18.35 29.95 -16.56
N THR B 302 -19.26 30.81 -17.07
CA THR B 302 -20.58 30.40 -17.59
C THR B 302 -20.48 29.54 -18.84
N GLN B 303 -19.36 29.64 -19.56
CA GLN B 303 -19.14 28.86 -20.78
C GLN B 303 -18.64 27.42 -20.49
N ARG B 304 -18.36 27.06 -19.21
CA ARG B 304 -17.87 25.72 -18.88
C ARG B 304 -19.06 24.74 -18.90
N PRO B 305 -18.86 23.51 -19.42
CA PRO B 305 -20.00 22.57 -19.49
C PRO B 305 -20.41 22.04 -18.12
N SER B 306 -21.66 21.59 -18.01
CA SER B 306 -22.16 21.05 -16.76
C SER B 306 -21.58 19.64 -16.56
N PHE B 307 -21.57 19.15 -15.32
CA PHE B 307 -21.07 17.80 -15.04
C PHE B 307 -21.98 16.72 -15.58
N ARG B 308 -23.28 17.01 -15.76
CA ARG B 308 -24.18 16.08 -16.42
C ARG B 308 -23.69 15.85 -17.85
N THR B 309 -23.32 16.94 -18.55
CA THR B 309 -22.83 16.87 -19.92
C THR B 309 -21.47 16.17 -19.98
N ILE B 310 -20.51 16.60 -19.12
CA ILE B 310 -19.18 16.01 -19.05
C ILE B 310 -19.30 14.49 -18.82
N LEU B 311 -20.12 14.11 -17.86
CA LEU B 311 -20.31 12.68 -17.50
C LEU B 311 -20.92 11.88 -18.66
N ARG B 312 -21.87 12.45 -19.45
CA ARG B 312 -22.39 11.77 -20.67
C ARG B 312 -21.33 11.69 -21.79
N ASP B 313 -20.51 12.75 -21.96
CA ASP B 313 -19.42 12.77 -22.95
C ASP B 313 -18.33 11.73 -22.65
N LEU B 314 -18.12 11.41 -21.36
CA LEU B 314 -17.09 10.43 -20.99
C LEU B 314 -17.48 9.00 -21.38
N THR B 315 -18.78 8.71 -21.53
CA THR B 315 -19.25 7.41 -22.05
C THR B 315 -19.03 7.41 -23.57
C13 L8Y C . 9.06 -2.84 1.38
C18 L8Y C . 13.18 -9.70 3.26
C17 L8Y C . 13.71 -9.49 4.53
C16 L8Y C . 14.06 -8.20 4.94
C15 L8Y C . 13.85 -7.13 4.12
C19 L8Y C . 13.11 -11.12 2.74
C11 L8Y C . 10.30 -2.27 3.31
C12 L8Y C . 9.29 -1.96 2.43
C1 L8Y C . 10.97 -8.63 -0.84
C2 L8Y C . 10.01 -7.88 -1.52
N1 L8Y C . 9.57 -6.69 -1.13
C3 L8Y C . 10.05 -6.18 0.00
C4 L8Y C . 11.01 -6.85 0.78
C5 L8Y C . 11.50 -8.09 0.36
N2 L8Y C . 12.48 -8.80 1.10
N3 L8Y C . 9.53 -4.94 0.31
C6 L8Y C . 11.34 -10.00 -1.30
N4 L8Y C . 11.10 -10.32 -2.58
O1 L8Y C . 11.81 -10.81 -0.51
C7 L8Y C . 11.21 -11.67 -3.06
C8 L8Y C . 12.95 -8.60 2.41
C9 L8Y C . 9.79 -4.04 1.31
N5 L8Y C . 10.76 -4.33 2.18
C10 L8Y C . 11.03 -3.45 3.14
F1 L8Y C . 10.58 -1.39 4.30
C14 L8Y C . 13.30 -7.32 2.85
N6 L8Y C . 12.35 -11.98 3.39
O2 L8Y C . 13.77 -11.43 1.74
H11 L8Y C . 8.32 -2.56 0.62
H15 L8Y C . 13.86 -10.34 5.19
H14 L8Y C . 14.54 -8.07 5.91
H13 L8Y C . 14.09 -6.12 4.46
H10 L8Y C . 8.68 -1.07 2.54
H1 L8Y C . 9.47 -8.26 -2.38
H2 L8Y C . 11.32 -6.44 1.73
H3 L8Y C . 12.95 -9.56 0.61
H4 L8Y C . 8.81 -4.61 -0.33
H5 L8Y C . 10.87 -9.62 -3.28
H6 L8Y C . 10.83 -12.40 -2.33
H7 L8Y C . 12.24 -11.97 -3.26
H8 L8Y C . 10.65 -11.81 -3.98
H9 L8Y C . 11.87 -3.71 3.79
H12 L8Y C . 13.29 -6.46 2.18
H16 L8Y C . 11.81 -11.73 4.22
H17 L8Y C . 12.23 -12.93 3.06
S SO4 D . 10.41 -17.64 25.11
O1 SO4 D . 10.14 -19.07 25.30
O2 SO4 D . 10.52 -16.98 26.42
O3 SO4 D . 11.65 -17.44 24.36
O4 SO4 D . 9.31 -17.06 24.36
S SO4 E . 26.27 -30.17 9.50
O1 SO4 E . 27.31 -31.10 9.02
O2 SO4 E . 25.65 -30.76 10.69
O3 SO4 E . 26.88 -28.88 9.83
O4 SO4 E . 25.27 -29.99 8.45
C13 L8Y F . -2.43 5.64 2.37
C18 L8Y F . -3.85 13.75 1.56
C17 L8Y F . -2.63 14.38 1.28
C16 L8Y F . -1.43 13.77 1.63
C15 L8Y F . -1.43 12.54 2.25
C19 L8Y F . -5.11 14.55 1.37
C11 L8Y F . -0.31 6.64 2.05
C12 L8Y F . -1.07 5.50 2.18
C1 L8Y F . -6.91 10.33 2.95
C2 L8Y F . -7.29 8.98 3.00
N1 L8Y F . -6.45 7.95 2.89
C3 L8Y F . -5.18 8.22 2.64
C4 L8Y F . -4.70 9.52 2.48
C5 L8Y F . -5.55 10.60 2.68
N2 L8Y F . -5.08 11.93 2.63
N3 L8Y F . -4.35 7.10 2.58
C6 L8Y F . -7.92 11.44 3.06
N4 L8Y F . -9.11 11.13 3.57
O1 L8Y F . -7.68 12.52 2.56
C7 L8Y F . -10.25 12.03 3.48
C8 L8Y F . -3.85 12.48 2.18
C9 L8Y F . -2.98 6.93 2.40
N5 L8Y F . -2.24 8.03 2.28
C10 L8Y F . -0.93 7.90 2.13
F1 L8Y F . 1.01 6.52 1.78
C14 L8Y F . -2.63 11.90 2.53
N6 L8Y F . -5.50 14.81 0.14
O2 L8Y F . -5.74 14.92 2.38
H11 L8Y F . -3.03 4.74 2.53
H15 L8Y F . -2.63 15.36 0.80
H14 L8Y F . -0.50 14.27 1.40
H13 L8Y F . -0.49 12.08 2.54
H10 L8Y F . -0.61 4.51 2.12
H1 L8Y F . -8.34 8.66 3.02
H2 L8Y F . -3.72 9.69 2.07
H3 L8Y F . -5.69 12.61 3.05
H4 L8Y F . -4.84 6.22 2.69
H5 L8Y F . -9.32 10.25 4.02
H6 L8Y F . -10.47 12.30 2.44
H7 L8Y F . -10.10 12.96 4.01
H8 L8Y F . -11.15 11.56 3.87
H9 L8Y F . -0.37 8.83 2.07
H12 L8Y F . -2.58 10.99 3.13
H16 L8Y F . -6.34 15.33 -0.05
H17 L8Y F . -4.96 14.51 -0.66
S SO4 G . 6.02 24.55 -16.97
O1 SO4 G . 4.65 24.25 -17.44
O2 SO4 G . 6.16 24.34 -15.52
O3 SO4 G . 6.31 25.94 -17.27
O4 SO4 G . 6.98 23.66 -17.62
S SO4 H . -6.04 -3.82 -6.14
O1 SO4 H . -5.68 -4.31 -4.81
O2 SO4 H . -6.84 -4.83 -6.84
O3 SO4 H . -4.81 -3.54 -6.92
O4 SO4 H . -6.82 -2.60 -6.00
#